data_6T98
#
_entry.id   6T98
#
_cell.length_a   103.430
_cell.length_b   103.430
_cell.length_c   192.790
_cell.angle_alpha   90.000
_cell.angle_beta   90.000
_cell.angle_gamma   90.000
#
_symmetry.space_group_name_H-M   'P 41 21 2'
#
loop_
_entity.id
_entity.type
_entity.pdbx_description
1 polymer 'Trypanothione reductase'
2 non-polymer 4-[3-methyl-1-[4-[4-(2-phenylethyl)-1,3-thiazol-2-yl]-3-(2-piperidin-4-ylethoxy)phenyl]-1,2,3-triazol-3-ium-4-yl]butan-1-amine
3 non-polymer 'SULFATE ION'
4 non-polymer GLYCEROL
5 non-polymer 'FLAVIN-ADENINE DINUCLEOTIDE'
6 non-polymer 'DIMETHYL SULFOXIDE'
7 water water
#
_entity_poly.entity_id   1
_entity_poly.type   'polypeptide(L)'
_entity_poly.pdbx_seq_one_letter_code
;PMSRAYDLVVLGAGSGGLEAGWNAAVTHKKKVAVVDVQATHGPPLFAALGGTCVNVGCVPKKLMVTGAQYMDLIRESGGF
GWEMDRESLCPNWKTLIAAKNKVVNSINESYKSMFADTEGLSFHMGFGALQDAHTVVVRKSEDPHSDVLETLDTEYILIA
TGSWPTRLGVPGDEFCITSNEAFYLEDAPKRMLCVGGGYIAVEFAGIFNGYKPCGGYVDLCYRGDLILRGFDTEVRKSLT
KQLGANGIRVRTNLNPTKITKNEDGSNHVHFNDGTEEDYDQVMLAIGRVPRSQALQLDKAGVRTGKNGAVQVDAYSKTSV
DNIYAIGDVTNRVMLTPVAINEGAAFVETVFGGKPRATDHTKVACAVFSIPPIGTCGMTEEEAAKNYETVAVYASSFTPL
MHNISGSKHKEFMIRIITNESNGEVLGVHMLGDSAPEIIQSVGICMKMGAKISDFHSTIGVHPTSAEELCSMRTPAYFYE
SGKRVEKLS
;
_entity_poly.pdbx_strand_id   A
#
loop_
_chem_comp.id
_chem_comp.type
_chem_comp.name
_chem_comp.formula
DMS non-polymer 'DIMETHYL SULFOXIDE' 'C2 H6 O S'
FAD non-polymer 'FLAVIN-ADENINE DINUCLEOTIDE' 'C27 H33 N9 O15 P2'
GOL non-polymer GLYCEROL 'C3 H8 O3'
MWZ non-polymer 4-[3-methyl-1-[4-[4-(2-phenylethyl)-1,3-thiazol-2-yl]-3-(2-piperidin-4-ylethoxy)phenyl]-1,2,3-triazol-3-ium-4-yl]butan-1-amine 'C31 H41 N6 O S 1'
SO4 non-polymer 'SULFATE ION' 'O4 S -2'
#
# COMPACT_ATOMS: atom_id res chain seq x y z
N PRO A 1 -32.48 -6.02 24.40
CA PRO A 1 -32.45 -5.68 25.83
C PRO A 1 -31.38 -4.62 26.11
N MET A 2 -31.72 -3.32 25.97
CA MET A 2 -30.76 -2.18 25.99
C MET A 2 -30.17 -2.01 27.39
N SER A 3 -28.87 -2.29 27.52
CA SER A 3 -28.10 -2.17 28.78
C SER A 3 -27.03 -1.09 28.58
N ARG A 4 -26.41 -1.02 27.40
CA ARG A 4 -25.29 -0.09 27.11
C ARG A 4 -25.72 0.96 26.08
N ALA A 5 -25.09 2.15 26.13
CA ALA A 5 -25.36 3.30 25.23
C ALA A 5 -25.19 2.89 23.75
N TYR A 6 -24.17 2.08 23.44
CA TYR A 6 -23.79 1.65 22.06
C TYR A 6 -23.48 0.15 22.00
N ASP A 7 -23.99 -0.53 20.98
CA ASP A 7 -23.63 -1.94 20.64
C ASP A 7 -22.16 -2.04 20.24
N LEU A 8 -21.63 -1.02 19.53
CA LEU A 8 -20.29 -1.09 18.91
C LEU A 8 -19.61 0.28 18.99
N VAL A 9 -18.36 0.31 19.44
CA VAL A 9 -17.48 1.49 19.32
C VAL A 9 -16.32 1.09 18.43
N VAL A 10 -16.06 1.90 17.40
CA VAL A 10 -14.97 1.66 16.42
C VAL A 10 -13.92 2.76 16.55
N LEU A 11 -12.72 2.39 17.03
CA LEU A 11 -11.54 3.28 17.05
C LEU A 11 -10.93 3.27 15.67
N GLY A 12 -11.06 4.39 14.97
CA GLY A 12 -10.51 4.59 13.62
C GLY A 12 -11.57 4.44 12.56
N ALA A 13 -11.83 5.53 11.83
CA ALA A 13 -12.77 5.59 10.69
C ALA A 13 -12.00 5.36 9.41
N GLY A 14 -11.23 4.27 9.39
CA GLY A 14 -10.39 3.86 8.25
C GLY A 14 -11.14 2.94 7.31
N SER A 15 -10.42 2.29 6.40
CA SER A 15 -11.00 1.32 5.44
C SER A 15 -11.69 0.20 6.21
N GLY A 16 -10.98 -0.39 7.18
CA GLY A 16 -11.50 -1.46 8.06
C GLY A 16 -12.68 -1.00 8.90
N GLY A 17 -12.52 0.11 9.63
CA GLY A 17 -13.46 0.61 10.63
C GLY A 17 -14.78 0.98 9.99
N LEU A 18 -14.74 1.78 8.92
CA LEU A 18 -15.97 2.29 8.27
C LEU A 18 -16.80 1.12 7.73
N GLU A 19 -16.18 0.12 7.11
CA GLU A 19 -16.89 -1.08 6.59
C GLU A 19 -17.61 -1.77 7.75
N ALA A 20 -16.91 -2.00 8.86
CA ALA A 20 -17.48 -2.64 10.06
C ALA A 20 -18.60 -1.75 10.57
N GLY A 21 -18.30 -0.47 10.80
CA GLY A 21 -19.26 0.51 11.34
C GLY A 21 -20.55 0.50 10.52
N TRP A 22 -20.44 0.87 9.24
CA TRP A 22 -21.57 0.97 8.29
C TRP A 22 -22.39 -0.32 8.31
N ASN A 23 -21.78 -1.48 8.06
CA ASN A 23 -22.53 -2.77 7.99
C ASN A 23 -23.32 -2.97 9.29
N ALA A 24 -22.66 -2.91 10.45
CA ALA A 24 -23.30 -3.11 11.75
C ALA A 24 -24.56 -2.24 11.81
N ALA A 25 -24.47 -0.98 11.38
CA ALA A 25 -25.54 0.03 11.55
C ALA A 25 -26.70 -0.20 10.58
N VAL A 26 -26.46 -0.52 9.31
CA VAL A 26 -27.58 -0.57 8.32
C VAL A 26 -28.11 -2.01 8.15
N THR A 27 -27.24 -3.03 8.05
CA THR A 27 -27.67 -4.43 7.72
C THR A 27 -28.04 -5.19 9.00
N HIS A 28 -27.57 -4.80 10.19
CA HIS A 28 -27.98 -5.47 11.46
C HIS A 28 -28.58 -4.49 12.50
N LYS A 29 -28.85 -3.23 12.11
CA LYS A 29 -29.63 -2.23 12.90
C LYS A 29 -29.00 -2.07 14.30
N LYS A 30 -27.68 -2.16 14.42
CA LYS A 30 -26.99 -1.95 15.71
C LYS A 30 -26.78 -0.44 15.86
N LYS A 31 -26.51 0.02 17.09
CA LYS A 31 -26.15 1.42 17.40
C LYS A 31 -24.62 1.51 17.50
N VAL A 32 -24.00 2.25 16.57
CA VAL A 32 -22.53 2.27 16.36
C VAL A 32 -21.98 3.67 16.59
N ALA A 33 -20.81 3.74 17.21
CA ALA A 33 -20.04 4.96 17.45
C ALA A 33 -18.67 4.80 16.78
N VAL A 34 -18.30 5.74 15.91
CA VAL A 34 -17.01 5.68 15.17
C VAL A 34 -16.15 6.85 15.62
N VAL A 35 -14.92 6.57 16.02
CA VAL A 35 -14.02 7.60 16.58
C VAL A 35 -12.90 7.85 15.57
N ASP A 36 -12.64 9.11 15.22
CA ASP A 36 -11.43 9.49 14.46
C ASP A 36 -10.96 10.86 14.95
N VAL A 37 -9.80 11.31 14.49
CA VAL A 37 -9.10 12.46 15.11
C VAL A 37 -9.52 13.76 14.41
N GLN A 38 -9.90 13.67 13.14
CA GLN A 38 -10.34 14.85 12.36
C GLN A 38 -11.23 14.36 11.23
N ALA A 39 -11.97 15.28 10.59
CA ALA A 39 -13.09 14.98 9.68
C ALA A 39 -12.68 15.19 8.23
N THR A 40 -11.75 16.12 7.97
CA THR A 40 -11.13 16.30 6.63
C THR A 40 -9.60 16.18 6.76
N HIS A 41 -8.96 15.76 5.67
CA HIS A 41 -7.52 15.45 5.58
C HIS A 41 -6.68 16.64 6.02
N GLY A 42 -5.38 16.43 6.13
CA GLY A 42 -4.39 17.52 6.17
C GLY A 42 -3.60 17.53 7.46
N PRO A 43 -2.46 18.25 7.49
CA PRO A 43 -1.65 18.39 8.70
C PRO A 43 -2.45 19.02 9.85
N PRO A 44 -2.02 18.82 11.11
CA PRO A 44 -0.81 18.06 11.43
C PRO A 44 -1.04 16.56 11.70
N LEU A 45 -2.27 16.07 11.45
CA LEU A 45 -2.71 14.69 11.82
C LEU A 45 -2.82 13.79 10.58
N PHE A 46 -3.09 14.38 9.39
CA PHE A 46 -2.99 13.76 8.03
C PHE A 46 -4.14 12.77 7.75
N ALA A 47 -4.22 11.71 8.54
CA ALA A 47 -5.30 10.72 8.51
C ALA A 47 -6.57 11.44 8.97
N ALA A 48 -7.74 10.96 8.57
CA ALA A 48 -9.04 11.55 8.91
C ALA A 48 -10.14 10.56 8.52
N LEU A 49 -11.39 10.96 8.76
CA LEU A 49 -12.59 10.29 8.20
C LEU A 49 -12.30 9.72 6.81
N GLY A 50 -12.36 8.40 6.66
CA GLY A 50 -12.08 7.68 5.41
C GLY A 50 -10.78 6.91 5.53
N GLY A 51 -9.88 7.35 6.40
CA GLY A 51 -8.70 6.57 6.80
C GLY A 51 -7.46 6.94 6.04
N THR A 52 -6.42 6.14 6.20
CA THR A 52 -5.09 6.43 5.59
C THR A 52 -5.26 6.37 4.07
N CYS A 53 -6.00 5.37 3.58
CA CYS A 53 -6.14 5.06 2.15
CA CYS A 53 -6.10 5.07 2.13
C CYS A 53 -6.69 6.28 1.40
N VAL A 54 -7.73 6.88 1.94
CA VAL A 54 -8.49 7.99 1.28
C VAL A 54 -7.71 9.30 1.40
N ASN A 55 -7.02 9.55 2.52
CA ASN A 55 -6.48 10.89 2.84
C ASN A 55 -4.98 10.99 2.49
N VAL A 56 -4.19 9.98 2.85
CA VAL A 56 -2.70 9.97 2.68
C VAL A 56 -2.17 8.58 2.29
N GLY A 57 -2.87 7.89 1.40
CA GLY A 57 -2.44 6.56 0.93
C GLY A 57 -2.92 6.32 -0.48
N CYS A 58 -3.33 5.10 -0.78
CA CYS A 58 -3.73 4.63 -2.13
C CYS A 58 -4.30 5.79 -2.97
N VAL A 59 -5.38 6.48 -2.55
CA VAL A 59 -6.21 7.33 -3.47
C VAL A 59 -5.43 8.56 -3.92
N PRO A 60 -4.89 9.41 -3.04
CA PRO A 60 -4.03 10.49 -3.48
C PRO A 60 -2.80 9.95 -4.23
N LYS A 61 -2.15 8.90 -3.70
CA LYS A 61 -0.90 8.37 -4.30
C LYS A 61 -1.16 8.05 -5.77
N LYS A 62 -2.27 7.39 -6.09
CA LYS A 62 -2.58 7.00 -7.48
C LYS A 62 -2.84 8.26 -8.33
N LEU A 63 -3.63 9.24 -7.84
CA LEU A 63 -3.88 10.49 -8.58
C LEU A 63 -2.55 11.08 -9.01
N MET A 64 -1.53 11.01 -8.16
CA MET A 64 -0.24 11.70 -8.41
C MET A 64 0.66 10.81 -9.27
N VAL A 65 0.54 9.49 -9.17
CA VAL A 65 1.22 8.58 -10.14
C VAL A 65 0.66 8.87 -11.53
N THR A 66 -0.67 8.94 -11.69
CA THR A 66 -1.32 9.25 -12.99
C THR A 66 -0.74 10.55 -13.59
N GLY A 67 -0.53 11.57 -12.74
CA GLY A 67 0.13 12.83 -13.14
C GLY A 67 1.50 12.56 -13.75
N ALA A 68 2.34 11.81 -13.05
CA ALA A 68 3.77 11.63 -13.42
C ALA A 68 3.95 10.76 -14.67
N GLN A 69 2.93 10.03 -15.10
CA GLN A 69 2.98 9.24 -16.36
C GLN A 69 2.87 10.20 -17.53
N TYR A 70 2.17 11.33 -17.35
CA TYR A 70 1.96 12.26 -18.48
C TYR A 70 3.34 12.64 -19.02
N MET A 71 4.38 12.67 -18.18
CA MET A 71 5.77 12.93 -18.65
C MET A 71 6.11 11.89 -19.72
N ASP A 72 6.03 10.62 -19.35
CA ASP A 72 6.42 9.48 -20.22
C ASP A 72 5.49 9.41 -21.43
N LEU A 73 4.27 9.94 -21.35
CA LEU A 73 3.25 9.79 -22.42
C LEU A 73 3.33 10.96 -23.40
N ILE A 74 3.87 12.09 -22.97
CA ILE A 74 4.05 13.26 -23.85
C ILE A 74 5.34 13.04 -24.65
N ARG A 75 6.33 12.38 -24.07
CA ARG A 75 7.53 11.92 -24.78
C ARG A 75 7.08 10.91 -25.82
N GLU A 76 6.31 9.90 -25.39
CA GLU A 76 5.88 8.79 -26.27
C GLU A 76 5.12 9.36 -27.46
N SER A 77 4.39 10.45 -27.30
CA SER A 77 3.48 10.95 -28.36
C SER A 77 4.26 11.36 -29.62
N GLY A 78 5.46 11.91 -29.47
CA GLY A 78 6.26 12.45 -30.59
C GLY A 78 6.43 11.48 -31.75
N GLY A 79 6.79 10.22 -31.46
CA GLY A 79 6.93 9.13 -32.45
C GLY A 79 5.67 8.91 -33.29
N PHE A 80 4.48 8.99 -32.69
CA PHE A 80 3.18 8.85 -33.39
C PHE A 80 2.83 10.14 -34.13
N GLY A 81 3.71 11.14 -34.11
CA GLY A 81 3.63 12.34 -34.96
C GLY A 81 2.92 13.49 -34.29
N TRP A 82 2.93 13.55 -32.96
CA TRP A 82 2.43 14.74 -32.23
C TRP A 82 3.57 15.76 -32.11
N GLU A 83 3.68 16.60 -33.13
CA GLU A 83 4.55 17.82 -33.07
C GLU A 83 3.88 18.77 -32.07
N MET A 84 4.71 19.34 -31.19
CA MET A 84 4.32 20.38 -30.20
C MET A 84 5.57 20.82 -29.43
N ASP A 85 5.48 21.94 -28.68
CA ASP A 85 6.62 22.64 -28.04
C ASP A 85 7.14 21.86 -26.82
N ARG A 86 8.37 21.34 -26.90
CA ARG A 86 9.07 20.50 -25.86
C ARG A 86 10.16 21.30 -25.15
N GLU A 87 10.15 22.64 -25.30
CA GLU A 87 10.83 23.59 -24.39
C GLU A 87 9.81 23.95 -23.30
N SER A 88 8.68 24.55 -23.69
CA SER A 88 7.49 24.84 -22.84
C SER A 88 6.85 23.51 -22.41
N LEU A 89 7.50 22.81 -21.49
CA LEU A 89 7.05 21.53 -20.88
C LEU A 89 7.86 21.25 -19.61
N CYS A 90 7.35 21.76 -18.51
CA CYS A 90 7.64 21.30 -17.12
C CYS A 90 6.29 21.28 -16.41
N PRO A 91 6.07 20.37 -15.44
CA PRO A 91 4.76 20.25 -14.81
C PRO A 91 4.62 21.24 -13.65
N ASN A 92 3.46 21.88 -13.51
CA ASN A 92 3.13 22.76 -12.36
C ASN A 92 2.61 21.89 -11.21
N TRP A 93 3.38 21.72 -10.15
CA TRP A 93 3.04 20.84 -9.00
C TRP A 93 1.93 21.44 -8.14
N LYS A 94 1.78 22.76 -8.12
CA LYS A 94 0.75 23.43 -7.30
C LYS A 94 -0.62 23.06 -7.88
N THR A 95 -0.76 22.98 -9.21
CA THR A 95 -2.05 22.65 -9.88
C THR A 95 -2.40 21.19 -9.60
N LEU A 96 -1.41 20.33 -9.39
CA LEU A 96 -1.61 18.88 -9.07
C LEU A 96 -2.12 18.75 -7.64
N ILE A 97 -1.43 19.40 -6.71
CA ILE A 97 -1.77 19.31 -5.26
C ILE A 97 -3.18 19.89 -5.05
N ALA A 98 -3.50 21.05 -5.64
CA ALA A 98 -4.81 21.75 -5.56
C ALA A 98 -5.92 20.81 -6.04
N ALA A 99 -5.71 20.19 -7.20
CA ALA A 99 -6.65 19.24 -7.82
C ALA A 99 -6.81 18.00 -6.92
N LYS A 100 -5.72 17.46 -6.39
CA LYS A 100 -5.74 16.27 -5.48
C LYS A 100 -6.55 16.57 -4.20
N ASN A 101 -6.36 17.76 -3.63
CA ASN A 101 -7.01 18.22 -2.37
C ASN A 101 -8.51 18.41 -2.62
N LYS A 102 -8.90 18.96 -3.76
CA LYS A 102 -10.33 19.15 -4.14
C LYS A 102 -11.03 17.79 -4.08
N VAL A 103 -10.31 16.74 -4.50
CA VAL A 103 -10.83 15.35 -4.66
C VAL A 103 -10.93 14.74 -3.26
N VAL A 104 -9.82 14.69 -2.53
CA VAL A 104 -9.79 14.05 -1.18
C VAL A 104 -10.84 14.75 -0.32
N ASN A 105 -10.93 16.08 -0.43
CA ASN A 105 -11.86 16.94 0.35
C ASN A 105 -13.32 16.61 -0.02
N SER A 106 -13.60 16.35 -1.28
CA SER A 106 -14.95 15.92 -1.74
C SER A 106 -15.30 14.58 -1.07
N ILE A 107 -14.34 13.66 -0.96
CA ILE A 107 -14.61 12.32 -0.36
C ILE A 107 -14.89 12.50 1.12
N ASN A 108 -14.13 13.35 1.81
CA ASN A 108 -14.35 13.63 3.25
C ASN A 108 -15.75 14.21 3.46
N GLU A 109 -16.21 15.07 2.55
CA GLU A 109 -17.55 15.72 2.62
C GLU A 109 -18.60 14.65 2.40
N SER A 110 -18.36 13.71 1.49
CA SER A 110 -19.37 12.69 1.12
C SER A 110 -19.52 11.69 2.27
N TYR A 111 -18.57 11.66 3.22
CA TYR A 111 -18.62 10.77 4.40
C TYR A 111 -19.42 11.40 5.55
N LYS A 112 -19.40 12.72 5.71
CA LYS A 112 -20.25 13.40 6.72
C LYS A 112 -21.72 13.31 6.29
N SER A 113 -22.00 13.40 4.99
CA SER A 113 -23.32 13.11 4.39
C SER A 113 -23.78 11.73 4.86
N MET A 114 -22.90 10.73 4.82
CA MET A 114 -23.17 9.32 5.21
C MET A 114 -23.57 9.23 6.68
N PHE A 115 -22.89 9.92 7.58
CA PHE A 115 -23.18 9.87 9.04
C PHE A 115 -24.49 10.58 9.36
N ALA A 116 -24.69 11.83 8.94
CA ALA A 116 -25.89 12.62 9.27
C ALA A 116 -27.14 11.91 8.74
N ASP A 117 -27.02 11.22 7.61
CA ASP A 117 -28.15 10.60 6.87
C ASP A 117 -28.41 9.17 7.36
N THR A 118 -27.38 8.42 7.77
CA THR A 118 -27.47 7.01 8.22
C THR A 118 -27.87 6.94 9.70
N GLU A 119 -28.79 6.06 10.05
CA GLU A 119 -29.39 6.06 11.40
C GLU A 119 -28.70 5.04 12.30
N GLY A 120 -28.52 5.38 13.57
CA GLY A 120 -27.81 4.57 14.57
C GLY A 120 -26.30 4.65 14.42
N LEU A 121 -25.79 5.46 13.49
CA LEU A 121 -24.34 5.57 13.18
C LEU A 121 -23.85 6.99 13.47
N SER A 122 -23.09 7.17 14.55
CA SER A 122 -22.59 8.49 15.04
C SER A 122 -21.07 8.56 14.90
N PHE A 123 -20.55 9.78 14.73
CA PHE A 123 -19.10 10.08 14.54
C PHE A 123 -18.59 10.94 15.71
N HIS A 124 -17.50 10.51 16.35
CA HIS A 124 -16.98 11.07 17.62
C HIS A 124 -15.53 11.52 17.42
N MET A 125 -15.33 12.81 17.16
CA MET A 125 -14.01 13.36 16.74
C MET A 125 -13.17 13.55 17.99
N GLY A 126 -12.02 12.90 18.04
CA GLY A 126 -11.04 12.98 19.14
C GLY A 126 -10.11 11.77 19.17
N PHE A 127 -9.61 11.41 20.34
CA PHE A 127 -8.57 10.38 20.50
C PHE A 127 -9.05 9.24 21.39
N GLY A 128 -9.27 8.09 20.75
CA GLY A 128 -9.74 6.83 21.34
C GLY A 128 -8.74 6.29 22.33
N ALA A 129 -9.25 5.57 23.33
CA ALA A 129 -8.51 5.05 24.49
C ALA A 129 -9.46 4.14 25.27
N LEU A 130 -8.98 2.98 25.71
CA LEU A 130 -9.79 2.03 26.51
C LEU A 130 -9.65 2.40 27.99
N GLN A 131 -10.74 2.28 28.78
CA GLN A 131 -10.70 2.33 30.26
C GLN A 131 -10.86 0.90 30.79
N ASP A 132 -11.89 0.22 30.32
CA ASP A 132 -12.12 -1.24 30.54
C ASP A 132 -12.67 -1.78 29.23
N ALA A 133 -13.01 -3.08 29.18
CA ALA A 133 -13.44 -3.78 27.94
C ALA A 133 -14.80 -3.28 27.46
N HIS A 134 -15.47 -2.41 28.22
CA HIS A 134 -16.82 -1.93 27.85
C HIS A 134 -16.90 -0.40 27.80
N THR A 135 -15.80 0.31 28.06
CA THR A 135 -15.75 1.79 28.06
C THR A 135 -14.61 2.28 27.16
N VAL A 136 -14.94 3.15 26.22
CA VAL A 136 -13.94 3.87 25.38
C VAL A 136 -14.07 5.35 25.70
N VAL A 137 -12.93 6.01 25.83
CA VAL A 137 -12.85 7.46 26.17
C VAL A 137 -12.30 8.21 24.95
N VAL A 138 -12.80 9.42 24.74
CA VAL A 138 -12.36 10.31 23.63
C VAL A 138 -11.77 11.58 24.25
N ARG A 139 -10.51 11.89 23.93
CA ARG A 139 -9.78 13.05 24.49
C ARG A 139 -9.59 14.08 23.39
N LYS A 140 -9.18 15.30 23.75
CA LYS A 140 -8.81 16.36 22.79
C LYS A 140 -7.52 15.95 22.08
N SER A 141 -6.51 15.56 22.86
CA SER A 141 -5.16 15.20 22.39
C SER A 141 -4.85 13.75 22.84
N GLU A 142 -3.80 13.17 22.27
CA GLU A 142 -3.36 11.79 22.60
C GLU A 142 -2.66 11.80 23.96
N ASP A 143 -2.23 12.97 24.46
CA ASP A 143 -1.69 13.13 25.83
C ASP A 143 -2.76 12.66 26.81
N PRO A 144 -2.50 11.60 27.62
CA PRO A 144 -3.57 10.92 28.36
C PRO A 144 -4.20 11.77 29.48
N HIS A 145 -3.59 12.91 29.83
CA HIS A 145 -4.14 13.90 30.81
C HIS A 145 -4.85 15.04 30.06
N SER A 146 -5.33 14.82 28.83
CA SER A 146 -6.14 15.81 28.08
C SER A 146 -7.56 15.83 28.62
N ASP A 147 -8.28 16.91 28.32
CA ASP A 147 -9.75 17.04 28.54
C ASP A 147 -10.45 15.90 27.80
N VAL A 148 -11.36 15.24 28.51
CA VAL A 148 -12.15 14.09 28.04
C VAL A 148 -13.47 14.60 27.45
N LEU A 149 -13.73 14.32 26.17
CA LEU A 149 -14.89 14.86 25.42
C LEU A 149 -16.11 13.94 25.60
N GLU A 150 -15.91 12.62 25.59
CA GLU A 150 -17.00 11.63 25.67
C GLU A 150 -16.51 10.37 26.37
N THR A 151 -17.44 9.68 27.05
CA THR A 151 -17.25 8.33 27.63
C THR A 151 -18.30 7.42 27.00
N LEU A 152 -17.83 6.53 26.12
CA LEU A 152 -18.66 5.66 25.26
C LEU A 152 -18.82 4.31 25.95
N ASP A 153 -19.92 4.20 26.71
CA ASP A 153 -20.42 2.94 27.31
C ASP A 153 -20.82 2.01 26.16
N THR A 154 -20.19 0.85 26.02
CA THR A 154 -20.45 -0.05 24.87
C THR A 154 -20.25 -1.51 25.22
N GLU A 155 -20.78 -2.38 24.34
CA GLU A 155 -20.74 -3.85 24.45
C GLU A 155 -19.50 -4.41 23.74
N TYR A 156 -19.31 -4.05 22.48
CA TYR A 156 -18.16 -4.52 21.65
C TYR A 156 -17.26 -3.34 21.33
N ILE A 157 -15.96 -3.59 21.22
CA ILE A 157 -14.95 -2.59 20.77
C ILE A 157 -14.23 -3.18 19.55
N LEU A 158 -14.11 -2.37 18.48
CA LEU A 158 -13.29 -2.70 17.27
C LEU A 158 -12.15 -1.70 17.10
N ILE A 159 -10.92 -2.21 17.23
CA ILE A 159 -9.66 -1.42 17.11
C ILE A 159 -9.23 -1.50 15.66
N ALA A 160 -9.17 -0.36 14.98
CA ALA A 160 -8.83 -0.29 13.56
C ALA A 160 -8.14 1.04 13.33
N THR A 161 -7.09 1.30 14.10
CA THR A 161 -6.38 2.60 14.15
C THR A 161 -5.24 2.63 13.12
N GLY A 162 -4.99 1.49 12.47
CA GLY A 162 -4.08 1.39 11.32
C GLY A 162 -2.63 1.52 11.77
N SER A 163 -1.79 2.12 10.93
CA SER A 163 -0.32 2.15 11.11
C SER A 163 0.23 3.55 10.82
N TRP A 164 1.54 3.71 11.02
CA TRP A 164 2.24 5.03 11.03
C TRP A 164 3.67 4.86 10.56
N PRO A 165 4.25 5.81 9.81
CA PRO A 165 5.52 5.57 9.13
C PRO A 165 6.64 5.49 10.18
N THR A 166 7.58 4.54 10.02
CA THR A 166 8.74 4.36 10.94
C THR A 166 9.78 5.41 10.63
N ARG A 167 10.42 5.92 11.68
CA ARG A 167 11.49 6.95 11.56
C ARG A 167 12.82 6.22 11.59
N LEU A 168 13.87 6.93 11.16
CA LEU A 168 15.21 6.36 10.97
C LEU A 168 15.94 6.36 12.32
N GLY A 169 15.74 7.40 13.13
CA GLY A 169 16.41 7.58 14.43
C GLY A 169 17.92 7.71 14.27
N VAL A 170 18.38 8.84 13.72
CA VAL A 170 19.81 9.23 13.60
C VAL A 170 19.88 10.71 13.90
N PRO A 171 21.08 11.28 14.19
CA PRO A 171 21.22 12.73 14.21
C PRO A 171 20.77 13.31 12.86
N GLY A 172 19.59 13.94 12.81
CA GLY A 172 19.01 14.56 11.60
C GLY A 172 17.68 13.94 11.15
N ASP A 173 17.05 13.13 12.00
CA ASP A 173 15.78 12.42 11.69
C ASP A 173 14.65 13.44 11.47
N GLU A 174 14.64 14.55 12.23
CA GLU A 174 13.50 15.50 12.28
C GLU A 174 13.52 16.44 11.06
N PHE A 175 14.50 16.33 10.15
CA PHE A 175 14.59 17.18 8.94
C PHE A 175 13.95 16.48 7.75
N CYS A 176 13.88 15.15 7.80
CA CYS A 176 13.31 14.27 6.75
C CYS A 176 11.78 14.29 6.82
N ILE A 177 11.12 14.13 5.68
CA ILE A 177 9.63 14.05 5.56
C ILE A 177 9.22 12.58 5.45
N THR A 178 7.92 12.32 5.26
CA THR A 178 7.33 10.96 5.09
C THR A 178 6.24 10.97 4.03
N SER A 179 5.68 9.79 3.76
CA SER A 179 4.47 9.64 2.92
C SER A 179 3.46 10.74 3.31
N ASN A 180 3.29 11.02 4.60
CA ASN A 180 2.35 12.05 5.13
C ASN A 180 2.67 13.44 4.57
N GLU A 181 3.87 13.96 4.83
CA GLU A 181 4.24 15.36 4.54
C GLU A 181 4.44 15.57 3.03
N ALA A 182 4.70 14.49 2.29
CA ALA A 182 4.98 14.53 0.84
C ALA A 182 3.77 15.08 0.11
N PHE A 183 2.58 14.64 0.53
CA PHE A 183 1.29 15.02 -0.09
C PHE A 183 0.98 16.51 0.05
N TYR A 184 1.49 17.23 1.06
CA TYR A 184 1.17 18.66 1.30
C TYR A 184 2.42 19.51 1.11
N LEU A 185 3.39 19.01 0.34
CA LEU A 185 4.55 19.82 -0.07
C LEU A 185 4.07 21.02 -0.90
N GLU A 186 4.75 22.15 -0.77
CA GLU A 186 4.39 23.45 -1.39
C GLU A 186 5.03 23.53 -2.79
N ASP A 187 6.26 23.01 -2.90
CA ASP A 187 7.09 23.00 -4.12
C ASP A 187 7.51 21.56 -4.42
N ALA A 188 7.58 21.19 -5.69
CA ALA A 188 8.18 19.91 -6.14
C ALA A 188 9.68 20.09 -6.06
N PRO A 189 10.40 19.13 -5.47
CA PRO A 189 11.79 19.34 -5.10
C PRO A 189 12.74 19.08 -6.28
N LYS A 190 13.69 20.01 -6.45
CA LYS A 190 14.76 19.99 -7.49
C LYS A 190 15.67 18.77 -7.27
N ARG A 191 16.07 18.51 -6.03
CA ARG A 191 17.01 17.42 -5.69
C ARG A 191 16.42 16.59 -4.55
N MET A 192 15.94 15.40 -4.88
CA MET A 192 15.08 14.57 -4.00
C MET A 192 15.84 13.28 -3.66
N LEU A 193 15.83 12.89 -2.38
CA LEU A 193 16.36 11.59 -1.91
C LEU A 193 15.22 10.78 -1.31
N CYS A 194 14.81 9.67 -1.94
CA CYS A 194 13.83 8.71 -1.37
C CYS A 194 14.59 7.57 -0.72
N VAL A 195 14.69 7.59 0.60
CA VAL A 195 15.27 6.46 1.38
C VAL A 195 14.21 5.37 1.52
N GLY A 196 14.60 4.12 1.30
CA GLY A 196 13.75 2.93 1.46
C GLY A 196 13.70 2.12 0.17
N GLY A 197 13.24 0.86 0.24
CA GLY A 197 13.11 -0.07 -0.92
C GLY A 197 11.72 -0.68 -1.03
N GLY A 198 10.78 -0.24 -0.18
CA GLY A 198 9.39 -0.71 -0.15
C GLY A 198 8.60 -0.02 -1.23
N TYR A 199 7.43 -0.58 -1.56
CA TYR A 199 6.54 -0.13 -2.65
C TYR A 199 6.32 1.39 -2.54
N ILE A 200 6.19 1.93 -1.32
CA ILE A 200 5.88 3.39 -1.17
C ILE A 200 7.07 4.22 -1.66
N ALA A 201 8.29 3.86 -1.27
CA ALA A 201 9.53 4.53 -1.74
C ALA A 201 9.50 4.63 -3.28
N VAL A 202 9.20 3.52 -3.95
CA VAL A 202 9.36 3.36 -5.43
C VAL A 202 8.22 4.10 -6.15
N GLU A 203 7.01 4.07 -5.61
CA GLU A 203 5.86 4.82 -6.18
C GLU A 203 6.18 6.30 -6.13
N PHE A 204 6.61 6.79 -4.96
CA PHE A 204 6.95 8.21 -4.70
C PHE A 204 8.22 8.63 -5.43
N ALA A 205 9.14 7.69 -5.71
CA ALA A 205 10.33 7.99 -6.53
C ALA A 205 9.85 8.44 -7.91
N GLY A 206 8.95 7.65 -8.51
CA GLY A 206 8.35 7.90 -9.83
C GLY A 206 7.58 9.20 -9.91
N ILE A 207 6.90 9.59 -8.84
CA ILE A 207 6.12 10.86 -8.78
C ILE A 207 7.10 12.04 -8.82
N PHE A 208 8.04 12.10 -7.87
CA PHE A 208 8.96 13.24 -7.69
C PHE A 208 9.82 13.42 -8.95
N ASN A 209 10.08 12.29 -9.63
CA ASN A 209 10.78 12.19 -10.92
C ASN A 209 9.93 12.84 -12.02
N GLY A 210 8.65 12.50 -12.05
CA GLY A 210 7.70 13.02 -13.04
C GLY A 210 7.53 14.53 -12.93
N TYR A 211 7.62 15.05 -11.70
CA TYR A 211 7.28 16.46 -11.36
C TYR A 211 8.54 17.23 -10.96
N LYS A 212 9.74 16.69 -11.19
CA LYS A 212 11.00 17.45 -10.97
C LYS A 212 10.90 18.72 -11.83
N PRO A 213 11.27 19.90 -11.29
CA PRO A 213 11.19 21.13 -12.05
C PRO A 213 12.49 21.23 -12.85
N CYS A 214 12.48 20.89 -14.14
CA CYS A 214 13.62 21.09 -15.07
C CYS A 214 14.86 20.37 -14.50
N GLY A 215 16.01 21.05 -14.36
CA GLY A 215 17.33 20.44 -14.08
C GLY A 215 17.39 19.59 -12.83
N GLY A 216 16.27 19.11 -12.31
CA GLY A 216 16.18 18.31 -11.07
C GLY A 216 16.41 16.82 -11.30
N TYR A 217 16.63 16.07 -10.21
CA TYR A 217 16.89 14.60 -10.23
C TYR A 217 16.39 13.97 -8.93
N VAL A 218 16.14 12.66 -8.98
CA VAL A 218 15.68 11.82 -7.82
C VAL A 218 16.68 10.69 -7.61
N ASP A 219 17.14 10.51 -6.37
CA ASP A 219 17.97 9.36 -5.97
C ASP A 219 17.11 8.49 -5.06
N LEU A 220 16.89 7.25 -5.45
CA LEU A 220 16.42 6.21 -4.52
C LEU A 220 17.66 5.64 -3.85
N CYS A 221 17.57 5.34 -2.56
CA CYS A 221 18.72 4.90 -1.74
C CYS A 221 18.23 3.87 -0.72
N TYR A 222 18.57 2.61 -0.93
CA TYR A 222 18.01 1.47 -0.15
C TYR A 222 19.15 0.77 0.57
N ARG A 223 18.93 0.36 1.82
CA ARG A 223 20.03 -0.11 2.70
C ARG A 223 20.42 -1.55 2.34
N GLY A 224 19.67 -2.22 1.46
CA GLY A 224 19.91 -3.60 1.04
C GLY A 224 20.54 -3.69 -0.35
N ASP A 225 20.24 -4.77 -1.09
CA ASP A 225 20.87 -5.12 -2.39
C ASP A 225 19.94 -4.88 -3.57
N LEU A 226 18.70 -5.29 -3.40
CA LEU A 226 17.72 -5.30 -4.51
C LEU A 226 16.38 -4.85 -3.94
N ILE A 227 15.80 -3.84 -4.56
CA ILE A 227 14.58 -3.17 -4.01
C ILE A 227 13.40 -4.15 -4.04
N LEU A 228 12.35 -3.82 -3.28
CA LEU A 228 11.04 -4.53 -3.19
C LEU A 228 11.25 -5.98 -2.72
N ARG A 229 11.60 -6.15 -1.45
CA ARG A 229 11.84 -7.48 -0.85
C ARG A 229 10.57 -8.32 -0.93
N GLY A 230 10.69 -9.61 -1.20
CA GLY A 230 9.56 -10.55 -1.32
C GLY A 230 8.64 -10.21 -2.48
N PHE A 231 9.19 -9.62 -3.54
CA PHE A 231 8.61 -9.67 -4.90
C PHE A 231 9.49 -10.61 -5.72
N ASP A 232 8.98 -11.03 -6.87
CA ASP A 232 9.73 -11.92 -7.79
C ASP A 232 11.08 -11.26 -8.09
N THR A 233 12.15 -12.05 -8.12
CA THR A 233 13.55 -11.55 -8.16
C THR A 233 13.92 -11.02 -9.56
N GLU A 234 13.33 -11.53 -10.64
CA GLU A 234 13.62 -11.03 -12.01
C GLU A 234 12.76 -9.81 -12.31
N VAL A 235 11.60 -9.69 -11.66
CA VAL A 235 10.72 -8.50 -11.79
C VAL A 235 11.39 -7.30 -11.10
N ARG A 236 11.98 -7.51 -9.93
CA ARG A 236 12.71 -6.46 -9.17
C ARG A 236 13.88 -5.94 -10.00
N LYS A 237 14.66 -6.85 -10.61
CA LYS A 237 15.87 -6.50 -11.40
C LYS A 237 15.45 -5.72 -12.63
N SER A 238 14.31 -6.07 -13.22
CA SER A 238 13.80 -5.44 -14.47
C SER A 238 13.29 -4.04 -14.18
N LEU A 239 12.73 -3.81 -13.00
CA LEU A 239 12.21 -2.49 -12.58
C LEU A 239 13.38 -1.57 -12.26
N THR A 240 14.32 -2.06 -11.45
CA THR A 240 15.60 -1.39 -11.08
C THR A 240 16.25 -0.81 -12.35
N LYS A 241 16.19 -1.53 -13.48
CA LYS A 241 16.78 -1.11 -14.77
C LYS A 241 15.91 -0.02 -15.41
N GLN A 242 14.58 -0.16 -15.32
CA GLN A 242 13.57 0.68 -16.03
C GLN A 242 13.40 2.00 -15.28
N LEU A 243 13.51 1.97 -13.95
CA LEU A 243 13.62 3.20 -13.14
C LEU A 243 14.84 3.96 -13.64
N GLY A 244 15.96 3.24 -13.81
CA GLY A 244 17.23 3.76 -14.34
C GLY A 244 17.02 4.61 -15.58
N ALA A 245 16.29 4.08 -16.55
CA ALA A 245 16.12 4.66 -17.89
C ALA A 245 14.96 5.68 -17.93
N ASN A 246 14.15 5.77 -16.86
CA ASN A 246 13.13 6.84 -16.72
C ASN A 246 13.77 8.04 -16.02
N GLY A 247 15.00 7.87 -15.51
CA GLY A 247 15.77 8.97 -14.91
C GLY A 247 16.18 8.73 -13.47
N ILE A 248 15.61 7.75 -12.76
CA ILE A 248 15.85 7.56 -11.29
C ILE A 248 17.17 6.82 -11.09
N ARG A 249 18.11 7.45 -10.40
CA ARG A 249 19.38 6.80 -10.02
C ARG A 249 19.12 5.96 -8.79
N VAL A 250 19.33 4.65 -8.86
CA VAL A 250 19.12 3.75 -7.68
C VAL A 250 20.47 3.42 -7.05
N ARG A 251 20.57 3.61 -5.74
CA ARG A 251 21.76 3.19 -4.97
C ARG A 251 21.35 2.17 -3.91
N THR A 252 22.30 1.32 -3.54
CA THR A 252 22.04 0.11 -2.74
C THR A 252 23.19 -0.04 -1.74
N ASN A 253 22.95 -0.80 -0.68
CA ASN A 253 23.92 -1.03 0.42
C ASN A 253 24.34 0.36 0.91
N LEU A 254 23.35 1.19 1.17
CA LEU A 254 23.55 2.62 1.43
C LEU A 254 22.52 3.09 2.45
N ASN A 255 23.01 3.72 3.51
CA ASN A 255 22.18 4.18 4.63
C ASN A 255 22.69 5.54 5.06
N PRO A 256 21.82 6.57 5.12
CA PRO A 256 22.17 7.83 5.77
C PRO A 256 22.63 7.67 7.23
N THR A 257 23.82 8.19 7.55
CA THR A 257 24.35 8.23 8.93
C THR A 257 23.88 9.52 9.61
N LYS A 258 23.70 10.62 8.86
CA LYS A 258 23.51 11.97 9.47
C LYS A 258 22.94 12.95 8.45
N ILE A 259 22.01 13.81 8.90
CA ILE A 259 21.52 15.00 8.14
C ILE A 259 21.69 16.25 9.01
N THR A 260 22.48 17.21 8.55
CA THR A 260 22.53 18.59 9.09
C THR A 260 21.67 19.48 8.19
N LYS A 261 21.14 20.58 8.72
CA LYS A 261 20.49 21.63 7.89
C LYS A 261 21.54 22.22 6.95
N ASN A 262 21.16 23.20 6.14
CA ASN A 262 22.08 23.93 5.25
C ASN A 262 21.71 25.42 5.33
N GLU A 263 22.32 26.27 4.49
CA GLU A 263 22.10 27.75 4.54
C GLU A 263 20.78 28.09 3.85
N ASP A 264 20.60 27.63 2.61
CA ASP A 264 19.45 27.98 1.74
C ASP A 264 18.28 27.06 2.11
N GLY A 265 18.43 26.21 3.12
CA GLY A 265 17.34 25.38 3.68
C GLY A 265 17.33 23.96 3.13
N SER A 266 18.26 23.61 2.22
CA SER A 266 18.48 22.24 1.71
C SER A 266 19.09 21.35 2.81
N ASN A 267 19.26 20.05 2.54
CA ASN A 267 19.69 19.07 3.57
C ASN A 267 21.03 18.44 3.16
N HIS A 268 22.08 18.67 3.95
CA HIS A 268 23.38 17.94 3.83
C HIS A 268 23.15 16.51 4.35
N VAL A 269 23.54 15.47 3.59
CA VAL A 269 23.29 14.04 3.95
C VAL A 269 24.59 13.22 3.83
N HIS A 270 25.06 12.70 4.97
CA HIS A 270 26.25 11.83 5.13
C HIS A 270 25.79 10.37 5.04
N PHE A 271 26.50 9.56 4.24
CA PHE A 271 26.14 8.16 3.95
C PHE A 271 27.17 7.19 4.56
N ASN A 272 26.87 5.89 4.45
CA ASN A 272 27.77 4.74 4.73
C ASN A 272 29.15 4.95 4.12
N ASP A 273 29.24 5.07 2.79
CA ASP A 273 30.50 4.95 2.00
C ASP A 273 31.42 6.16 2.22
N GLY A 274 31.01 7.12 3.07
CA GLY A 274 31.72 8.37 3.37
C GLY A 274 30.98 9.55 2.78
N THR A 275 30.56 9.41 1.52
CA THR A 275 29.84 10.38 0.67
C THR A 275 28.93 11.33 1.45
N GLU A 276 28.94 12.60 1.06
CA GLU A 276 27.99 13.65 1.53
C GLU A 276 27.25 14.13 0.29
N GLU A 277 26.02 14.63 0.43
CA GLU A 277 25.37 15.32 -0.72
C GLU A 277 24.21 16.18 -0.21
N ASP A 278 23.89 17.23 -0.95
CA ASP A 278 22.81 18.18 -0.64
C ASP A 278 21.58 17.77 -1.46
N TYR A 279 20.43 17.74 -0.79
CA TYR A 279 19.09 17.50 -1.37
C TYR A 279 18.11 18.51 -0.77
N ASP A 280 17.15 18.95 -1.59
CA ASP A 280 16.11 19.94 -1.22
C ASP A 280 15.20 19.29 -0.17
N GLN A 281 14.73 18.08 -0.45
CA GLN A 281 13.80 17.33 0.42
C GLN A 281 14.29 15.87 0.50
N VAL A 282 14.06 15.22 1.63
CA VAL A 282 14.53 13.82 1.91
C VAL A 282 13.41 13.05 2.57
N MET A 283 12.95 11.95 1.97
CA MET A 283 11.72 11.24 2.38
C MET A 283 12.02 9.83 2.91
N LEU A 284 11.43 9.48 4.05
CA LEU A 284 11.61 8.15 4.71
C LEU A 284 10.39 7.26 4.44
N ALA A 285 10.59 6.24 3.61
CA ALA A 285 9.60 5.17 3.40
C ALA A 285 10.25 3.85 3.81
N ILE A 286 10.38 3.62 5.12
CA ILE A 286 11.23 2.52 5.65
C ILE A 286 10.41 1.59 6.55
N GLY A 287 9.12 1.45 6.24
CA GLY A 287 8.18 0.53 6.93
C GLY A 287 7.21 1.31 7.78
N ARG A 288 6.05 0.73 8.05
CA ARG A 288 4.93 1.37 8.79
C ARG A 288 4.46 0.45 9.91
N VAL A 289 4.49 0.92 11.16
CA VAL A 289 4.21 0.08 12.37
C VAL A 289 2.82 0.43 12.89
N PRO A 290 2.13 -0.53 13.54
CA PRO A 290 0.86 -0.27 14.21
C PRO A 290 0.77 0.89 15.24
N ARG A 291 -0.38 1.58 15.25
CA ARG A 291 -0.76 2.66 16.19
C ARG A 291 -1.50 2.07 17.39
N SER A 292 -0.79 1.37 18.26
CA SER A 292 -1.33 0.82 19.54
C SER A 292 -0.83 1.67 20.70
N GLN A 293 0.12 2.55 20.42
CA GLN A 293 1.10 3.06 21.40
C GLN A 293 0.47 4.16 22.27
N ALA A 294 -0.82 4.43 22.09
CA ALA A 294 -1.53 5.51 22.80
C ALA A 294 -3.01 5.16 23.04
N LEU A 295 -3.38 3.89 22.95
CA LEU A 295 -4.79 3.45 23.12
C LEU A 295 -5.03 2.93 24.53
N GLN A 296 -4.04 3.05 25.44
CA GLN A 296 -4.07 2.45 26.80
C GLN A 296 -4.61 1.02 26.68
N LEU A 297 -3.87 0.17 25.97
CA LEU A 297 -4.29 -1.22 25.68
C LEU A 297 -4.07 -2.04 26.95
N ASP A 298 -2.86 -1.95 27.52
CA ASP A 298 -2.45 -2.60 28.80
C ASP A 298 -3.52 -2.38 29.88
N LYS A 299 -4.20 -1.22 29.89
CA LYS A 299 -5.22 -0.86 30.91
C LYS A 299 -6.43 -1.83 30.82
N ALA A 300 -6.91 -2.17 29.62
CA ALA A 300 -8.12 -3.02 29.47
C ALA A 300 -7.74 -4.48 29.16
N GLY A 301 -6.45 -4.81 29.09
CA GLY A 301 -5.91 -6.19 29.09
C GLY A 301 -5.93 -6.87 27.72
N VAL A 302 -5.59 -6.17 26.63
CA VAL A 302 -5.52 -6.75 25.25
C VAL A 302 -4.05 -6.98 24.87
N ARG A 303 -3.81 -8.07 24.15
CA ARG A 303 -2.48 -8.67 23.85
C ARG A 303 -1.79 -7.82 22.76
N THR A 304 -0.58 -7.33 23.07
CA THR A 304 0.37 -6.65 22.15
C THR A 304 1.48 -7.64 21.81
N GLY A 305 2.42 -7.30 20.93
CA GLY A 305 3.58 -8.16 20.63
C GLY A 305 4.55 -7.49 19.67
N LYS A 306 4.57 -7.97 18.42
CA LYS A 306 5.57 -7.57 17.39
C LYS A 306 5.27 -6.13 16.91
N ASN A 307 5.91 -5.15 17.55
CA ASN A 307 5.95 -3.71 17.16
C ASN A 307 4.61 -3.03 17.49
N GLY A 308 3.90 -3.49 18.52
CA GLY A 308 2.61 -2.91 18.94
C GLY A 308 1.42 -3.67 18.34
N ALA A 309 1.66 -4.58 17.39
CA ALA A 309 0.63 -5.41 16.73
C ALA A 309 -0.39 -5.87 17.77
N VAL A 310 -1.66 -5.74 17.46
CA VAL A 310 -2.74 -6.29 18.32
C VAL A 310 -2.86 -7.77 18.00
N GLN A 311 -2.52 -8.62 18.97
CA GLN A 311 -2.48 -10.10 18.85
C GLN A 311 -3.93 -10.61 18.82
N VAL A 312 -4.27 -11.34 17.76
CA VAL A 312 -5.67 -11.58 17.33
C VAL A 312 -5.78 -13.00 16.77
N ASP A 313 -6.90 -13.69 16.98
CA ASP A 313 -7.18 -15.03 16.37
C ASP A 313 -7.70 -14.84 14.93
N ALA A 314 -8.00 -15.91 14.21
CA ALA A 314 -8.36 -15.86 12.76
C ALA A 314 -9.61 -14.99 12.52
N TYR A 315 -10.54 -14.93 13.49
CA TYR A 315 -11.86 -14.23 13.39
C TYR A 315 -11.76 -12.81 13.95
N SER A 316 -10.54 -12.30 14.15
CA SER A 316 -10.19 -10.87 14.41
C SER A 316 -10.33 -10.52 15.90
N LYS A 317 -10.34 -11.50 16.80
CA LYS A 317 -10.69 -11.33 18.24
C LYS A 317 -9.42 -11.23 19.08
N THR A 318 -9.35 -10.25 19.98
CA THR A 318 -8.20 -10.01 20.89
C THR A 318 -8.29 -10.95 22.09
N SER A 319 -7.33 -10.88 23.02
CA SER A 319 -7.28 -11.70 24.26
C SER A 319 -8.50 -11.43 25.14
N VAL A 320 -9.19 -10.30 24.94
CA VAL A 320 -10.50 -9.97 25.60
C VAL A 320 -11.62 -10.33 24.60
N ASP A 321 -12.64 -11.10 25.02
CA ASP A 321 -13.58 -11.74 24.05
C ASP A 321 -14.51 -10.71 23.38
N ASN A 322 -14.76 -9.53 23.97
CA ASN A 322 -15.73 -8.53 23.41
C ASN A 322 -14.97 -7.50 22.59
N ILE A 323 -13.64 -7.54 22.60
CA ILE A 323 -12.79 -6.58 21.85
C ILE A 323 -12.22 -7.31 20.63
N TYR A 324 -12.31 -6.68 19.48
CA TYR A 324 -11.82 -7.20 18.19
C TYR A 324 -10.88 -6.16 17.59
N ALA A 325 -10.05 -6.55 16.63
CA ALA A 325 -9.12 -5.62 15.95
C ALA A 325 -8.90 -6.08 14.52
N ILE A 326 -8.93 -5.15 13.57
CA ILE A 326 -8.74 -5.44 12.14
C ILE A 326 -7.80 -4.40 11.51
N GLY A 327 -7.37 -4.70 10.29
CA GLY A 327 -6.52 -3.83 9.45
C GLY A 327 -5.10 -3.77 9.98
N ASP A 328 -4.41 -2.68 9.67
CA ASP A 328 -2.93 -2.57 9.76
C ASP A 328 -2.49 -2.65 11.22
N VAL A 329 -3.37 -2.30 12.16
CA VAL A 329 -3.06 -2.38 13.62
C VAL A 329 -2.71 -3.83 13.94
N THR A 330 -3.30 -4.81 13.26
CA THR A 330 -3.06 -6.26 13.49
C THR A 330 -1.73 -6.70 12.86
N ASN A 331 -1.30 -6.06 11.77
CA ASN A 331 0.01 -6.30 11.10
C ASN A 331 0.02 -7.65 10.35
N ARG A 332 -1.09 -7.98 9.68
CA ARG A 332 -1.16 -9.14 8.75
C ARG A 332 -0.74 -8.61 7.37
N VAL A 333 -1.64 -8.65 6.38
CA VAL A 333 -1.42 -8.04 5.04
C VAL A 333 -1.87 -6.57 5.14
N MET A 334 -0.99 -5.59 4.96
CA MET A 334 -1.33 -4.14 5.14
C MET A 334 -1.86 -3.54 3.82
N LEU A 335 -3.00 -4.03 3.35
CA LEU A 335 -3.72 -3.50 2.16
C LEU A 335 -5.14 -3.11 2.59
N THR A 336 -5.79 -2.26 1.83
CA THR A 336 -7.14 -1.74 2.11
C THR A 336 -8.25 -2.76 1.88
N PRO A 337 -8.27 -3.53 0.76
CA PRO A 337 -9.38 -4.45 0.52
C PRO A 337 -9.35 -5.66 1.46
N VAL A 338 -8.18 -5.93 2.05
CA VAL A 338 -7.98 -6.92 3.14
C VAL A 338 -8.74 -6.44 4.38
N ALA A 339 -8.45 -5.23 4.86
CA ALA A 339 -9.11 -4.65 6.06
C ALA A 339 -10.62 -4.63 5.84
N ILE A 340 -11.06 -4.16 4.67
CA ILE A 340 -12.50 -4.11 4.35
C ILE A 340 -13.11 -5.48 4.58
N ASN A 341 -12.44 -6.53 4.12
CA ASN A 341 -12.92 -7.93 4.23
C ASN A 341 -12.93 -8.34 5.71
N GLU A 342 -11.82 -8.15 6.43
CA GLU A 342 -11.66 -8.49 7.87
C GLU A 342 -12.81 -7.84 8.68
N GLY A 343 -13.19 -6.61 8.32
CA GLY A 343 -14.25 -5.84 8.99
C GLY A 343 -15.62 -6.33 8.61
N ALA A 344 -15.83 -6.59 7.33
CA ALA A 344 -17.10 -7.16 6.81
C ALA A 344 -17.37 -8.50 7.49
N ALA A 345 -16.32 -9.31 7.72
CA ALA A 345 -16.37 -10.68 8.29
C ALA A 345 -16.35 -10.62 9.83
N PHE A 346 -15.95 -9.48 10.41
CA PHE A 346 -16.13 -9.23 11.86
C PHE A 346 -17.62 -9.03 12.15
N VAL A 347 -18.29 -8.26 11.30
CA VAL A 347 -19.75 -7.95 11.46
C VAL A 347 -20.55 -9.24 11.28
N GLU A 348 -20.22 -10.06 10.26
CA GLU A 348 -20.88 -11.36 10.02
C GLU A 348 -20.64 -12.29 11.22
N THR A 349 -19.41 -12.35 11.73
CA THR A 349 -19.07 -13.19 12.91
C THR A 349 -19.97 -12.76 14.07
N VAL A 350 -19.74 -11.55 14.58
CA VAL A 350 -20.35 -11.05 15.85
C VAL A 350 -21.86 -10.90 15.65
N PHE A 351 -22.31 -9.91 14.88
CA PHE A 351 -23.74 -9.51 14.83
C PHE A 351 -24.54 -10.42 13.90
N GLY A 352 -23.96 -10.82 12.77
CA GLY A 352 -24.64 -11.56 11.68
C GLY A 352 -25.00 -12.99 12.06
N GLY A 353 -24.32 -13.60 13.04
CA GLY A 353 -24.49 -15.02 13.39
C GLY A 353 -23.61 -15.95 12.56
N LYS A 354 -23.42 -15.63 11.27
CA LYS A 354 -22.70 -16.45 10.24
C LYS A 354 -21.19 -16.28 10.38
N PRO A 355 -20.45 -17.10 11.16
CA PRO A 355 -19.11 -16.72 11.58
C PRO A 355 -18.16 -17.00 10.40
N ARG A 356 -17.18 -16.12 10.16
CA ARG A 356 -16.20 -16.30 9.06
C ARG A 356 -14.87 -15.59 9.34
N ALA A 357 -13.75 -16.22 8.98
CA ALA A 357 -12.38 -15.64 9.02
C ALA A 357 -12.07 -15.12 7.62
N THR A 358 -11.01 -14.32 7.50
CA THR A 358 -10.57 -13.74 6.20
C THR A 358 -9.51 -14.66 5.61
N ASP A 359 -9.55 -14.79 4.29
CA ASP A 359 -8.57 -15.55 3.48
C ASP A 359 -7.41 -14.61 3.12
N HIS A 360 -6.19 -14.95 3.54
CA HIS A 360 -4.97 -14.12 3.36
C HIS A 360 -4.07 -14.69 2.26
N THR A 361 -4.24 -15.97 1.93
CA THR A 361 -3.43 -16.66 0.91
C THR A 361 -3.92 -16.21 -0.48
N LYS A 362 -2.99 -16.15 -1.44
CA LYS A 362 -3.20 -15.69 -2.83
C LYS A 362 -4.19 -14.52 -2.85
N VAL A 363 -3.75 -13.40 -2.28
CA VAL A 363 -4.38 -12.05 -2.44
C VAL A 363 -3.56 -11.29 -3.50
N ALA A 364 -4.22 -10.74 -4.51
CA ALA A 364 -3.57 -9.97 -5.58
C ALA A 364 -3.16 -8.59 -5.03
N CYS A 365 -1.95 -8.19 -5.38
CA CYS A 365 -1.25 -6.98 -4.88
C CYS A 365 -0.82 -6.14 -6.10
N ALA A 366 -0.63 -4.83 -5.95
CA ALA A 366 -0.10 -4.01 -7.06
C ALA A 366 0.71 -2.82 -6.55
N VAL A 367 1.77 -2.52 -7.30
CA VAL A 367 2.67 -1.36 -7.10
C VAL A 367 2.39 -0.37 -8.23
N PHE A 368 2.09 0.89 -7.91
CA PHE A 368 1.86 1.92 -8.94
C PHE A 368 3.20 2.61 -9.18
N SER A 369 4.21 1.80 -9.51
CA SER A 369 5.50 2.28 -10.02
C SER A 369 5.28 2.73 -11.48
N ILE A 370 6.32 3.29 -12.10
CA ILE A 370 6.34 3.53 -13.57
C ILE A 370 7.60 2.85 -14.13
N PRO A 371 7.48 1.63 -14.73
CA PRO A 371 6.21 0.94 -14.92
C PRO A 371 5.68 0.10 -13.74
N PRO A 372 4.35 -0.15 -13.71
CA PRO A 372 3.71 -0.88 -12.62
C PRO A 372 3.89 -2.40 -12.58
N ILE A 373 3.70 -2.96 -11.40
CA ILE A 373 3.74 -4.41 -11.07
C ILE A 373 2.36 -4.92 -10.61
N GLY A 374 1.92 -6.06 -11.13
CA GLY A 374 0.85 -6.87 -10.53
C GLY A 374 1.41 -8.18 -10.01
N THR A 375 1.03 -8.63 -8.81
CA THR A 375 1.50 -9.93 -8.25
C THR A 375 0.39 -10.59 -7.42
N CYS A 376 0.34 -11.91 -7.48
CA CYS A 376 -0.66 -12.73 -6.76
C CYS A 376 -0.02 -14.07 -6.46
N GLY A 377 -0.12 -14.52 -5.21
CA GLY A 377 0.48 -15.78 -4.80
C GLY A 377 1.97 -15.65 -4.63
N MET A 378 2.68 -16.76 -4.67
CA MET A 378 4.02 -16.83 -4.03
C MET A 378 5.11 -16.71 -5.08
N THR A 379 6.25 -16.20 -4.60
CA THR A 379 7.55 -16.10 -5.31
C THR A 379 8.01 -17.51 -5.64
N GLU A 380 8.93 -17.67 -6.60
CA GLU A 380 9.51 -19.01 -6.86
C GLU A 380 10.37 -19.43 -5.66
N GLU A 381 10.91 -18.47 -4.89
CA GLU A 381 11.78 -18.73 -3.70
C GLU A 381 11.02 -19.52 -2.61
N GLU A 382 9.84 -19.03 -2.23
CA GLU A 382 9.02 -19.65 -1.14
C GLU A 382 8.16 -20.78 -1.73
N ALA A 383 8.09 -20.93 -3.04
CA ALA A 383 7.42 -22.10 -3.65
C ALA A 383 8.32 -23.32 -3.42
N ALA A 384 9.60 -23.20 -3.78
CA ALA A 384 10.56 -24.33 -3.87
C ALA A 384 10.99 -24.81 -2.48
N LYS A 385 10.61 -24.10 -1.41
CA LYS A 385 10.69 -24.58 -0.02
C LYS A 385 9.47 -25.47 0.30
N ASN A 386 8.26 -24.99 0.04
CA ASN A 386 6.99 -25.59 0.51
C ASN A 386 6.44 -26.64 -0.47
N TYR A 387 7.09 -26.84 -1.62
CA TYR A 387 6.63 -27.79 -2.67
C TYR A 387 7.83 -28.58 -3.17
N GLU A 388 7.57 -29.86 -3.39
CA GLU A 388 8.55 -30.88 -3.84
CA GLU A 388 8.55 -30.88 -3.83
C GLU A 388 9.15 -30.43 -5.17
N THR A 389 8.30 -30.29 -6.18
CA THR A 389 8.70 -30.07 -7.58
C THR A 389 7.93 -28.87 -8.13
N VAL A 390 8.67 -27.87 -8.60
CA VAL A 390 8.14 -26.54 -9.01
C VAL A 390 8.59 -26.26 -10.44
N ALA A 391 7.64 -25.89 -11.30
CA ALA A 391 7.91 -25.41 -12.67
C ALA A 391 7.85 -23.89 -12.67
N VAL A 392 8.75 -23.23 -13.38
CA VAL A 392 8.74 -21.75 -13.54
C VAL A 392 8.61 -21.42 -15.03
N TYR A 393 7.45 -20.92 -15.41
CA TYR A 393 7.15 -20.39 -16.77
C TYR A 393 7.54 -18.92 -16.73
N ALA A 394 8.11 -18.40 -17.83
CA ALA A 394 8.62 -17.00 -17.91
C ALA A 394 8.68 -16.54 -19.37
N SER A 395 8.29 -15.29 -19.63
CA SER A 395 8.13 -14.66 -20.97
C SER A 395 8.27 -13.13 -20.87
N SER A 396 9.12 -12.57 -21.72
CA SER A 396 9.49 -11.13 -21.71
C SER A 396 9.51 -10.64 -23.14
N PHE A 397 8.57 -9.76 -23.48
CA PHE A 397 8.43 -9.15 -24.83
C PHE A 397 8.27 -7.63 -24.66
N THR A 398 8.48 -6.92 -25.76
CA THR A 398 8.35 -5.45 -25.85
C THR A 398 7.26 -5.14 -26.85
N PRO A 399 6.13 -4.55 -26.44
CA PRO A 399 5.09 -4.15 -27.39
C PRO A 399 5.67 -3.38 -28.57
N LEU A 400 5.16 -3.64 -29.78
CA LEU A 400 5.73 -3.08 -31.03
C LEU A 400 5.59 -1.56 -30.99
N MET A 401 4.55 -1.07 -30.31
CA MET A 401 4.20 0.37 -30.27
C MET A 401 5.33 1.15 -29.60
N HIS A 402 6.24 0.48 -28.91
CA HIS A 402 7.41 1.13 -28.28
C HIS A 402 8.53 1.28 -29.31
N ASN A 403 8.52 0.53 -30.40
CA ASN A 403 9.49 0.73 -31.52
C ASN A 403 9.16 2.06 -32.22
N ILE A 404 7.96 2.59 -32.01
CA ILE A 404 7.52 3.93 -32.52
C ILE A 404 7.78 4.99 -31.44
N SER A 405 7.27 4.78 -30.22
CA SER A 405 7.24 5.77 -29.12
C SER A 405 8.65 6.16 -28.65
N GLY A 406 9.62 5.25 -28.82
CA GLY A 406 11.02 5.45 -28.40
C GLY A 406 11.26 4.77 -27.08
N SER A 407 10.21 4.44 -26.32
CA SER A 407 10.31 3.78 -24.98
C SER A 407 10.72 2.31 -25.17
N LYS A 408 11.95 2.02 -25.54
CA LYS A 408 12.37 0.61 -25.81
C LYS A 408 12.83 -0.07 -24.50
N HIS A 409 12.99 0.66 -23.41
CA HIS A 409 13.31 0.07 -22.08
C HIS A 409 12.09 -0.68 -21.53
N LYS A 410 10.89 -0.34 -21.98
CA LYS A 410 9.62 -0.85 -21.39
C LYS A 410 9.34 -2.29 -21.86
N GLU A 411 10.00 -3.21 -21.18
CA GLU A 411 9.79 -4.66 -21.30
C GLU A 411 8.55 -5.00 -20.48
N PHE A 412 7.61 -5.71 -21.07
CA PHE A 412 6.49 -6.37 -20.34
C PHE A 412 6.91 -7.79 -20.00
N MET A 413 6.69 -8.20 -18.75
CA MET A 413 7.25 -9.45 -18.17
C MET A 413 6.17 -10.20 -17.41
N ILE A 414 5.98 -11.48 -17.72
CA ILE A 414 5.08 -12.39 -16.96
C ILE A 414 5.89 -13.58 -16.46
N ARG A 415 5.63 -14.01 -15.23
CA ARG A 415 6.20 -15.26 -14.69
C ARG A 415 5.09 -16.00 -13.98
N ILE A 416 5.02 -17.30 -14.24
CA ILE A 416 4.03 -18.19 -13.60
C ILE A 416 4.81 -19.26 -12.87
N ILE A 417 4.41 -19.55 -11.64
CA ILE A 417 5.01 -20.59 -10.75
C ILE A 417 3.98 -21.71 -10.59
N THR A 418 4.45 -22.96 -10.73
CA THR A 418 3.60 -24.16 -10.85
C THR A 418 4.03 -25.18 -9.80
N ASN A 419 3.08 -25.97 -9.31
CA ASN A 419 3.34 -27.28 -8.67
C ASN A 419 3.44 -28.31 -9.81
N GLU A 420 4.62 -28.86 -10.03
CA GLU A 420 4.87 -29.88 -11.07
C GLU A 420 3.79 -30.97 -11.02
N SER A 421 3.56 -31.57 -9.84
CA SER A 421 2.59 -32.67 -9.60
C SER A 421 1.34 -32.51 -10.48
N ASN A 422 0.54 -31.49 -10.19
CA ASN A 422 -0.86 -31.36 -10.69
C ASN A 422 -0.98 -30.15 -11.63
N GLY A 423 0.08 -29.34 -11.77
CA GLY A 423 0.12 -28.17 -12.65
C GLY A 423 -0.56 -26.95 -12.04
N GLU A 424 -0.90 -27.01 -10.74
CA GLU A 424 -1.63 -25.89 -10.06
C GLU A 424 -0.77 -24.63 -10.15
N VAL A 425 -1.41 -23.48 -10.36
CA VAL A 425 -0.75 -22.15 -10.40
C VAL A 425 -0.69 -21.59 -8.97
N LEU A 426 0.54 -21.49 -8.48
CA LEU A 426 0.88 -21.07 -7.10
C LEU A 426 1.09 -19.55 -7.07
N GLY A 427 1.75 -19.01 -8.10
CA GLY A 427 2.11 -17.58 -8.19
C GLY A 427 2.01 -17.01 -9.59
N VAL A 428 1.74 -15.71 -9.71
CA VAL A 428 1.82 -14.96 -10.99
C VAL A 428 2.43 -13.58 -10.68
N HIS A 429 3.32 -13.13 -11.56
CA HIS A 429 4.22 -11.97 -11.32
C HIS A 429 4.42 -11.22 -12.63
N MET A 430 3.77 -10.07 -12.77
CA MET A 430 3.76 -9.26 -14.00
C MET A 430 4.41 -7.90 -13.73
N LEU A 431 5.05 -7.35 -14.74
CA LEU A 431 5.63 -5.99 -14.73
C LEU A 431 5.28 -5.34 -16.06
N GLY A 432 4.88 -4.08 -16.03
CA GLY A 432 4.58 -3.34 -17.26
C GLY A 432 3.15 -2.83 -17.25
N ASP A 433 2.83 -1.98 -18.22
CA ASP A 433 1.62 -1.12 -18.20
C ASP A 433 0.42 -2.06 -18.21
N SER A 434 -0.59 -1.73 -17.41
CA SER A 434 -1.88 -2.47 -17.25
C SER A 434 -1.75 -3.71 -16.37
N ALA A 435 -0.58 -4.04 -15.79
CA ALA A 435 -0.39 -5.20 -14.89
C ALA A 435 -1.35 -5.17 -13.70
N PRO A 436 -1.61 -4.04 -13.01
CA PRO A 436 -2.59 -4.01 -11.93
C PRO A 436 -4.03 -4.37 -12.32
N GLU A 437 -4.44 -4.06 -13.55
CA GLU A 437 -5.79 -4.41 -14.04
C GLU A 437 -5.85 -5.92 -14.30
N ILE A 438 -4.82 -6.47 -14.93
CA ILE A 438 -4.76 -7.88 -15.39
C ILE A 438 -4.74 -8.83 -14.19
N ILE A 439 -3.97 -8.50 -13.16
CA ILE A 439 -3.78 -9.39 -11.99
C ILE A 439 -5.09 -9.56 -11.22
N GLN A 440 -5.98 -8.56 -11.23
CA GLN A 440 -7.26 -8.64 -10.48
C GLN A 440 -8.05 -9.86 -10.96
N SER A 441 -8.10 -10.06 -12.28
CA SER A 441 -8.81 -11.20 -12.92
C SER A 441 -8.03 -12.49 -12.66
N VAL A 442 -6.70 -12.47 -12.68
CA VAL A 442 -5.85 -13.66 -12.36
C VAL A 442 -6.11 -14.09 -10.90
N GLY A 443 -6.33 -13.14 -9.99
CA GLY A 443 -6.56 -13.38 -8.56
C GLY A 443 -7.80 -14.21 -8.32
N ILE A 444 -8.77 -14.08 -9.23
CA ILE A 444 -10.07 -14.82 -9.24
C ILE A 444 -9.78 -16.27 -9.60
N CYS A 445 -8.96 -16.48 -10.64
CA CYS A 445 -8.60 -17.80 -11.22
C CYS A 445 -7.86 -18.62 -10.18
N MET A 446 -6.91 -18.01 -9.48
CA MET A 446 -6.06 -18.74 -8.51
C MET A 446 -6.87 -19.03 -7.25
N LYS A 447 -7.94 -18.27 -6.99
CA LYS A 447 -8.93 -18.57 -5.92
C LYS A 447 -9.70 -19.84 -6.31
N MET A 448 -10.06 -20.02 -7.58
CA MET A 448 -10.75 -21.24 -8.09
C MET A 448 -9.74 -22.38 -8.34
N GLY A 449 -8.47 -22.19 -8.00
CA GLY A 449 -7.43 -23.25 -8.03
C GLY A 449 -7.00 -23.57 -9.45
N ALA A 450 -6.60 -22.55 -10.19
CA ALA A 450 -6.34 -22.65 -11.64
C ALA A 450 -5.06 -23.44 -11.87
N LYS A 451 -5.07 -24.32 -12.86
CA LYS A 451 -3.88 -25.06 -13.32
C LYS A 451 -3.34 -24.33 -14.55
N ILE A 452 -2.05 -24.50 -14.84
CA ILE A 452 -1.41 -23.92 -16.05
C ILE A 452 -2.17 -24.38 -17.29
N SER A 453 -2.78 -25.60 -17.26
CA SER A 453 -3.69 -26.16 -18.30
C SER A 453 -4.72 -25.10 -18.72
N ASP A 454 -5.34 -24.47 -17.72
CA ASP A 454 -6.52 -23.58 -17.86
C ASP A 454 -6.10 -22.27 -18.54
N PHE A 455 -4.86 -21.83 -18.34
CA PHE A 455 -4.32 -20.59 -18.97
C PHE A 455 -4.16 -20.85 -20.47
N HIS A 456 -3.38 -21.84 -20.86
CA HIS A 456 -2.98 -22.03 -22.27
C HIS A 456 -4.03 -22.86 -23.03
N SER A 457 -5.25 -23.02 -22.50
CA SER A 457 -6.39 -23.63 -23.23
C SER A 457 -7.40 -22.54 -23.59
N THR A 458 -7.01 -21.28 -23.37
CA THR A 458 -7.92 -20.13 -23.48
C THR A 458 -7.56 -19.33 -24.72
N ILE A 459 -8.55 -19.13 -25.60
CA ILE A 459 -8.38 -18.36 -26.86
C ILE A 459 -8.00 -16.94 -26.46
N GLY A 460 -7.06 -16.35 -27.20
CA GLY A 460 -6.46 -15.06 -26.87
C GLY A 460 -7.31 -13.89 -27.30
N VAL A 461 -6.96 -12.71 -26.79
CA VAL A 461 -7.52 -11.40 -27.23
C VAL A 461 -6.36 -10.70 -27.93
N HIS A 462 -6.46 -10.47 -29.24
CA HIS A 462 -5.34 -9.93 -30.03
C HIS A 462 -5.65 -8.53 -30.55
N PRO A 463 -4.72 -7.56 -30.50
CA PRO A 463 -3.46 -7.70 -29.78
C PRO A 463 -3.55 -7.11 -28.36
N THR A 464 -2.94 -7.79 -27.40
CA THR A 464 -2.97 -7.47 -25.95
C THR A 464 -1.62 -7.84 -25.32
N SER A 465 -1.33 -7.27 -24.15
CA SER A 465 -0.19 -7.68 -23.30
C SER A 465 -0.58 -8.94 -22.52
N ALA A 466 -1.84 -9.02 -22.07
CA ALA A 466 -2.39 -10.17 -21.31
C ALA A 466 -2.45 -11.44 -22.17
N GLU A 467 -2.47 -11.36 -23.51
CA GLU A 467 -2.61 -12.59 -24.33
C GLU A 467 -1.37 -13.47 -24.15
N GLU A 468 -0.32 -12.96 -23.53
CA GLU A 468 0.92 -13.76 -23.33
C GLU A 468 0.78 -14.68 -22.11
N LEU A 469 -0.31 -14.63 -21.34
CA LEU A 469 -0.60 -15.62 -20.27
C LEU A 469 -0.91 -16.99 -20.89
N CYS A 470 -1.65 -16.98 -21.99
CA CYS A 470 -2.24 -18.18 -22.61
C CYS A 470 -1.30 -18.76 -23.66
N SER A 471 -0.12 -18.17 -23.85
CA SER A 471 0.93 -18.67 -24.77
C SER A 471 2.13 -19.16 -23.97
N MET A 472 1.94 -19.62 -22.74
CA MET A 472 3.05 -20.10 -21.91
C MET A 472 2.81 -21.59 -21.60
N ARG A 473 3.54 -22.45 -22.31
CA ARG A 473 3.34 -23.91 -22.40
C ARG A 473 4.57 -24.64 -21.86
N THR A 474 5.78 -24.27 -22.29
CA THR A 474 7.07 -24.88 -21.83
C THR A 474 7.55 -24.13 -20.60
N PRO A 475 7.81 -24.83 -19.48
CA PRO A 475 8.52 -24.23 -18.35
C PRO A 475 9.94 -23.79 -18.76
N ALA A 476 10.37 -22.63 -18.26
CA ALA A 476 11.73 -22.09 -18.48
C ALA A 476 12.75 -22.93 -17.69
N TYR A 477 12.44 -23.29 -16.45
CA TYR A 477 13.26 -24.18 -15.58
C TYR A 477 12.43 -24.64 -14.38
N PHE A 478 12.99 -25.50 -13.54
CA PHE A 478 12.27 -26.14 -12.41
C PHE A 478 13.08 -26.04 -11.12
N TYR A 479 12.44 -26.39 -10.01
CA TYR A 479 13.07 -26.66 -8.70
C TYR A 479 12.59 -28.04 -8.25
N GLU A 480 13.48 -29.03 -8.07
CA GLU A 480 13.13 -30.26 -7.29
C GLU A 480 13.91 -30.29 -5.97
N SER A 481 13.17 -30.53 -4.89
CA SER A 481 13.63 -30.41 -3.48
C SER A 481 14.30 -29.04 -3.30
N GLY A 482 13.67 -27.99 -3.84
CA GLY A 482 14.12 -26.59 -3.66
C GLY A 482 15.54 -26.35 -4.12
N LYS A 483 15.99 -27.00 -5.19
CA LYS A 483 17.27 -26.59 -5.84
C LYS A 483 17.04 -26.42 -7.35
N ARG A 484 17.47 -25.28 -7.89
CA ARG A 484 17.24 -24.88 -9.30
C ARG A 484 17.89 -25.91 -10.24
N VAL A 485 17.12 -26.43 -11.20
CA VAL A 485 17.62 -27.43 -12.19
C VAL A 485 17.24 -26.96 -13.61
N GLU A 486 18.19 -27.13 -14.55
CA GLU A 486 18.04 -26.81 -15.99
C GLU A 486 16.75 -27.49 -16.48
N LYS A 487 16.55 -28.76 -16.13
CA LYS A 487 15.51 -29.66 -16.70
C LYS A 487 15.17 -30.71 -15.65
N LEU A 488 14.02 -31.38 -15.78
CA LEU A 488 13.46 -32.20 -14.70
C LEU A 488 14.04 -33.62 -14.77
N SER A 489 14.21 -34.25 -13.59
CA SER A 489 14.58 -35.68 -13.46
C SER A 489 13.43 -36.54 -14.00
C12 MWZ B . -19.68 3.33 2.61
C11 MWZ B . -18.83 3.07 3.84
CAD MWZ B . -17.01 12.39 -5.83
CAE MWZ B . -15.91 12.18 -4.99
CAF MWZ B . -18.09 11.48 -5.76
CAG MWZ B . -15.88 11.10 -4.09
CAH MWZ B . -18.06 10.38 -4.85
CAI MWZ B . -23.67 8.55 1.32
CAJ MWZ B . -22.34 8.49 0.82
CAK MWZ B . -17.72 6.83 -0.63
CAL MWZ B . -23.52 6.27 1.74
CAR MWZ B . -22.22 3.65 0.86
CAT MWZ B . -16.96 8.89 -2.98
CAU MWZ B . -17.44 9.23 -1.49
CAW MWZ B . -21.21 2.41 0.82
NAX MWZ B . -19.52 8.33 -0.37
CBD MWZ B . -16.97 10.15 -4.01
CBE MWZ B . -18.19 8.11 -0.84
CBF MWZ B . -24.28 7.39 1.81
CBH MWZ B . -22.21 6.15 1.25
CBI MWZ B . -21.53 7.28 0.75
CBJ MWZ B . -20.15 7.33 0.20
OBA MWZ B . -21.60 4.90 1.27
SBB MWZ B . -18.97 5.95 0.14
C02 MWZ B . -27.55 6.48 2.58
N02 MWZ B . -25.60 7.46 2.27
C03 MWZ B . -28.66 5.40 2.62
N03 MWZ B . -27.67 7.74 3.01
C04 MWZ B . -28.54 4.58 3.92
N04 MWZ B . -30.02 3.36 6.93
C05 MWZ B . -29.84 4.55 4.76
C06 MWZ B . -29.50 4.57 6.27
C07 MWZ B . -20.58 2.15 2.21
C08 MWZ B . -19.82 0.80 2.17
C09 MWZ B . -18.95 0.61 3.42
C10 MWZ B . -28.89 8.34 3.60
C01 MWZ B . -26.34 6.25 2.13
N01 MWZ B . -26.53 8.31 2.82
N05 MWZ B . -18.10 1.81 3.67
S SO4 C . -19.59 -2.84 33.72
O1 SO4 C . -20.52 -2.76 34.81
O2 SO4 C . -20.27 -2.53 32.49
O3 SO4 C . -19.06 -4.18 33.64
O4 SO4 C . -18.51 -1.92 33.93
S SO4 D . 14.86 -3.95 4.21
O1 SO4 D . 13.84 -3.66 3.24
O2 SO4 D . 15.04 -2.80 5.06
O3 SO4 D . 14.46 -5.08 5.01
O4 SO4 D . 16.10 -4.25 3.56
S SO4 E . 14.47 -11.13 -0.16
O1 SO4 E . 13.27 -11.87 -0.43
O2 SO4 E . 14.15 -9.73 -0.06
O3 SO4 E . 15.42 -11.32 -1.24
O4 SO4 E . 15.06 -11.58 1.06
S SO4 F . 27.75 10.32 -4.82
O1 SO4 F . 27.47 10.45 -6.21
O2 SO4 F . 26.76 11.06 -4.06
O3 SO4 F . 27.71 8.93 -4.44
O4 SO4 F . 29.06 10.85 -4.53
S SO4 G . -11.11 18.94 10.74
O1 SO4 G . -11.27 20.11 9.90
O2 SO4 G . -12.29 18.75 11.55
O3 SO4 G . -10.93 17.78 9.90
O4 SO4 G . -9.96 19.11 11.59
S SO4 H . 6.48 -22.37 -25.18
O1 SO4 H . 5.73 -21.51 -26.07
O2 SO4 H . 6.09 -22.12 -23.83
O3 SO4 H . 6.22 -23.74 -25.54
O4 SO4 H . 7.89 -22.09 -25.33
C1 GOL I . -27.61 -3.03 22.91
O1 GOL I . -28.06 -4.13 23.70
C2 GOL I . -27.79 -1.72 23.62
O2 GOL I . -26.91 -1.67 24.74
C3 GOL I . -27.57 -0.52 22.73
O3 GOL I . -28.45 -0.54 21.62
C1 GOL J . 7.07 2.51 4.29
O1 GOL J . 6.61 3.85 4.29
C2 GOL J . 6.61 1.68 3.09
O2 GOL J . 7.62 1.67 2.09
C3 GOL J . 6.21 0.27 3.46
O3 GOL J . 6.35 -0.63 2.36
PA FAD K . -6.56 3.36 8.37
O1A FAD K . -7.33 3.56 7.10
O2A FAD K . -5.27 4.09 8.54
O5B FAD K . -7.51 3.71 9.62
C5B FAD K . -6.94 4.36 10.78
C4B FAD K . -7.74 5.58 11.15
O4B FAD K . -7.81 5.65 12.59
C3B FAD K . -7.17 6.95 10.70
O3B FAD K . -8.23 7.75 10.20
C2B FAD K . -6.56 7.53 11.98
O2B FAD K . -6.57 8.94 12.06
C1B FAD K . -7.48 6.95 13.03
N9A FAD K . -6.91 6.86 14.38
C8A FAD K . -5.62 6.53 14.74
N7A FAD K . -5.44 6.54 16.04
C5A FAD K . -6.68 6.90 16.57
C6A FAD K . -7.14 7.09 17.89
N6A FAD K . -6.39 6.94 18.97
N1A FAD K . -8.44 7.44 18.05
C2A FAD K . -9.20 7.60 16.96
N3A FAD K . -8.88 7.45 15.67
C4A FAD K . -7.59 7.10 15.55
N1 FAD K . -3.35 -0.21 0.29
C2 FAD K . -3.86 -0.76 -0.85
O2 FAD K . -4.63 -1.73 -0.81
N3 FAD K . -3.54 -0.29 -2.07
C4 FAD K . -2.68 0.77 -2.24
O4 FAD K . -2.43 1.16 -3.38
C4X FAD K . -2.16 1.39 -1.10
N5 FAD K . -1.36 2.42 -1.25
C5X FAD K . -0.88 3.01 -0.12
C6 FAD K . -0.05 4.14 -0.26
C7 FAD K . 0.46 4.80 0.83
C7M FAD K . 1.33 6.02 0.63
C8 FAD K . 0.14 4.35 2.14
C8M FAD K . 0.68 5.04 3.36
C9 FAD K . -0.65 3.22 2.29
C9A FAD K . -1.19 2.54 1.18
N10 FAD K . -2.02 1.42 1.29
C10 FAD K . -2.55 0.83 0.16
C1' FAD K . -2.37 0.87 2.61
C2' FAD K . -3.71 1.36 3.08
O2' FAD K . -3.69 2.78 3.10
C3' FAD K . -3.97 0.77 4.47
O3' FAD K . -3.60 -0.60 4.45
C4' FAD K . -5.43 0.84 4.94
O4' FAD K . -5.81 2.20 5.13
C5' FAD K . -5.63 0.09 6.24
O5' FAD K . -6.97 0.32 6.74
P FAD K . -7.16 0.50 8.31
O1P FAD K . -8.61 0.79 8.56
O2P FAD K . -6.53 -0.67 8.98
O3P FAD K . -6.28 1.81 8.61
S DMS L . 0.68 -3.88 -30.44
O DMS L . 0.94 -3.49 -31.88
C1 DMS L . 1.93 -5.05 -29.98
C2 DMS L . 1.24 -2.53 -29.46
#